data_5X0R
#
_entry.id   5X0R
#
_cell.length_a   84.339
_cell.length_b   89.301
_cell.length_c   106.759
_cell.angle_alpha   90.00
_cell.angle_beta   90.00
_cell.angle_gamma   90.00
#
_symmetry.space_group_name_H-M   'P 21 21 21'
#
loop_
_entity.id
_entity.type
_entity.pdbx_description
1 polymer 'Nuclear receptor subfamily 1 group I member 2'
2 polymer 'Nuclear receptor coactivator 1'
3 non-polymer 4-[(4-tert-butylphenyl)sulfonyl]-1-(2,4-dimethoxy-5-methylphenyl)-5-methyl-1H-1,2,3-triazole
4 water water
#
loop_
_entity_poly.entity_id
_entity_poly.type
_entity_poly.pdbx_seq_one_letter_code
_entity_poly.pdbx_strand_id
1 'polypeptide(L)'
;MGKGHHHHHHGSERTGTQPLGVQGLTEEQRMMIRELMDAQMKTFDTTFSHFKNFRLPGVLSSGCELPESLQAPSREEAAK
WSQVRKDLCSLKVSLQLRGEDGSVWNYKPPADSGGKEIFSLLPHMADMSTYMFKGIISFAKVISYFRDLPIEDQISLLKG
AAFELCQLRFNTVFNAETGTWECGRLSYCLEDTAGGFQQLLLEPMLKFHYMLKKLQLHEEEYVLMQAISLFSPDRPGVLQ
HRVVDQLQEQFAITLKSYIECNRPQPAHRFLFLKIMAMLTELRSINAQHTQRLLRIQDIHPFATPLMQELFGITGS
;
A,B
2 'polypeptide(L)' CPSSHSSLTERHKILHRLLQEGSPS C,D
#
loop_
_chem_comp.id
_chem_comp.type
_chem_comp.name
_chem_comp.formula
4WH non-polymer 4-[(4-tert-butylphenyl)sulfonyl]-1-(2,4-dimethoxy-5-methylphenyl)-5-methyl-1H-1,2,3-triazole 'C22 H27 N3 O4 S'
#
# COMPACT_ATOMS: atom_id res chain seq x y z
N GLY A 24 32.70 24.74 34.71
CA GLY A 24 32.07 24.80 33.36
C GLY A 24 33.04 24.50 32.24
N LEU A 25 32.73 25.01 31.06
CA LEU A 25 33.46 24.67 29.86
C LEU A 25 34.27 25.86 29.40
N THR A 26 35.40 25.59 28.78
CA THR A 26 36.25 26.64 28.29
C THR A 26 35.51 27.35 27.15
N GLU A 27 35.91 28.58 26.83
CA GLU A 27 35.33 29.24 25.66
C GLU A 27 35.55 28.36 24.41
N GLU A 28 36.72 27.74 24.29
CA GLU A 28 37.03 26.93 23.11
C GLU A 28 36.06 25.72 23.02
N GLN A 29 35.81 25.08 24.15
CA GLN A 29 34.90 23.94 24.19
C GLN A 29 33.51 24.37 23.82
N ARG A 30 33.09 25.54 24.31
CA ARG A 30 31.78 26.08 23.96
C ARG A 30 31.68 26.38 22.44
N MET A 31 32.78 26.80 21.81
CA MET A 31 32.75 27.10 20.36
C MET A 31 32.66 25.81 19.54
N MET A 32 33.31 24.76 20.01
CA MET A 32 33.33 23.47 19.34
C MET A 32 31.92 22.83 19.32
N ILE A 33 31.27 22.84 20.48
CA ILE A 33 29.94 22.33 20.59
C ILE A 33 29.03 23.15 19.67
N ARG A 34 29.20 24.46 19.66
CA ARG A 34 28.37 25.35 18.86
C ARG A 34 28.56 25.09 17.37
N GLU A 35 29.78 24.89 16.95
CA GLU A 35 30.04 24.66 15.54
C GLU A 35 29.37 23.35 15.10
N LEU A 36 29.46 22.34 15.96
CA LEU A 36 28.88 21.02 15.68
C LEU A 36 27.35 21.03 15.70
N MET A 37 26.79 21.74 16.67
CA MET A 37 25.36 21.90 16.77
C MET A 37 24.83 22.66 15.55
N ASP A 38 25.57 23.65 15.06
CA ASP A 38 25.11 24.41 13.89
C ASP A 38 25.20 23.53 12.65
N ALA A 39 26.25 22.73 12.55
CA ALA A 39 26.37 21.81 11.40
C ALA A 39 25.24 20.80 11.39
N GLN A 40 24.80 20.39 12.59
CA GLN A 40 23.77 19.36 12.69
C GLN A 40 22.50 19.97 12.28
N MET A 41 22.24 21.19 12.73
CA MET A 41 21.02 21.89 12.32
C MET A 41 20.94 22.06 10.82
N LYS A 42 22.02 22.52 10.20
CA LYS A 42 21.99 22.80 8.74
C LYS A 42 21.91 21.56 7.90
N THR A 43 22.23 20.38 8.44
CA THR A 43 22.33 19.22 7.58
C THR A 43 21.53 18.00 7.98
N PHE A 44 20.65 18.12 8.95
CA PHE A 44 19.88 16.97 9.38
C PHE A 44 18.45 17.42 9.37
N ASP A 45 17.74 17.01 8.33
CA ASP A 45 16.33 17.25 8.21
C ASP A 45 15.60 16.15 8.99
N THR A 46 15.16 16.47 10.18
CA THR A 46 14.55 15.49 11.07
C THR A 46 13.12 15.06 10.66
N THR A 47 12.45 15.93 9.91
CA THR A 47 11.14 15.65 9.32
C THR A 47 11.23 14.91 7.99
N PHE A 48 12.43 14.62 7.49
CA PHE A 48 12.59 14.00 6.15
C PHE A 48 11.70 14.64 5.07
N SER A 49 11.41 15.92 5.18
CA SER A 49 10.62 16.61 4.17
C SER A 49 11.19 16.56 2.73
N HIS A 50 12.49 16.38 2.55
CA HIS A 50 13.09 16.39 1.20
C HIS A 50 13.51 15.01 0.73
N PHE A 51 13.05 13.98 1.43
CA PHE A 51 13.27 12.61 1.01
C PHE A 51 12.13 12.25 0.08
N LYS A 52 12.46 12.17 -1.21
CA LYS A 52 11.46 12.04 -2.26
C LYS A 52 11.88 11.06 -3.39
N ASN A 53 10.90 10.56 -4.13
CA ASN A 53 11.20 9.69 -5.28
C ASN A 53 12.01 8.44 -4.94
N PHE A 54 11.76 7.87 -3.77
CA PHE A 54 12.40 6.61 -3.39
C PHE A 54 11.67 5.40 -3.98
N ARG A 55 12.40 4.31 -4.19
CA ARG A 55 11.79 3.04 -4.58
C ARG A 55 10.94 2.45 -3.42
N LEU A 56 9.93 1.67 -3.77
CA LEU A 56 8.97 1.08 -2.83
C LEU A 56 8.74 -0.33 -3.28
N PRO A 57 8.53 -1.28 -2.34
CA PRO A 57 8.24 -2.66 -2.79
C PRO A 57 6.94 -2.71 -3.60
N GLY A 58 6.97 -3.37 -4.77
CA GLY A 58 5.85 -3.38 -5.72
C GLY A 58 4.60 -4.10 -5.21
N VAL A 59 3.45 -3.74 -5.78
CA VAL A 59 2.13 -4.21 -5.29
C VAL A 59 1.75 -5.57 -5.88
N VAL A 93 11.44 -5.15 8.87
CA VAL A 93 10.56 -4.04 9.25
C VAL A 93 9.33 -3.92 8.35
N SER A 94 8.26 -3.41 8.92
CA SER A 94 7.14 -2.98 8.16
C SER A 94 7.31 -1.49 7.94
N LEU A 95 6.70 -0.97 6.88
CA LEU A 95 6.90 0.38 6.43
C LEU A 95 5.54 1.06 6.43
N GLN A 96 5.42 2.29 6.94
CA GLN A 96 4.16 3.03 6.94
C GLN A 96 4.35 4.38 6.24
N LEU A 97 3.41 4.77 5.38
CA LEU A 97 3.50 6.06 4.66
C LEU A 97 2.21 6.88 4.86
N ARG A 98 2.28 8.01 5.56
CA ARG A 98 1.12 8.87 5.81
C ARG A 98 1.09 9.94 4.71
N GLY A 99 0.01 10.03 3.94
CA GLY A 99 -0.18 11.13 3.01
C GLY A 99 -0.63 12.42 3.70
N GLU A 100 -0.31 13.57 3.08
CA GLU A 100 -0.79 14.89 3.53
C GLU A 100 -2.31 14.90 3.81
N ASP A 101 -3.05 14.08 3.09
CA ASP A 101 -4.50 14.06 3.15
C ASP A 101 -5.12 13.20 4.23
N GLY A 102 -4.32 12.47 5.02
CA GLY A 102 -4.90 11.57 6.06
C GLY A 102 -4.80 10.06 5.74
N SER A 103 -4.62 9.71 4.47
CA SER A 103 -4.46 8.31 4.08
C SER A 103 -3.21 7.71 4.73
N VAL A 104 -3.29 6.44 5.12
CA VAL A 104 -2.09 5.68 5.44
C VAL A 104 -1.93 4.42 4.59
N TRP A 105 -0.78 4.27 3.94
CA TRP A 105 -0.39 3.01 3.32
C TRP A 105 0.53 2.24 4.27
N ASN A 106 0.44 0.91 4.25
CA ASN A 106 1.24 0.01 5.12
C ASN A 106 1.81 -1.15 4.32
N TYR A 107 3.10 -1.44 4.42
CA TYR A 107 3.68 -2.63 3.83
C TYR A 107 4.05 -3.60 4.93
N LYS A 108 3.57 -4.84 4.87
CA LYS A 108 4.06 -5.88 5.79
C LYS A 108 4.86 -6.78 4.92
N PRO A 109 6.10 -7.06 5.31
CA PRO A 109 6.94 -7.84 4.40
C PRO A 109 6.62 -9.34 4.61
N PRO A 110 7.07 -10.20 3.69
CA PRO A 110 6.67 -11.62 3.78
C PRO A 110 7.17 -12.32 5.04
N ALA A 111 6.47 -13.36 5.48
CA ALA A 111 7.02 -14.27 6.50
C ALA A 111 8.11 -15.16 5.88
N SER A 120 13.85 -7.24 -0.35
CA SER A 120 12.84 -6.62 -1.25
C SER A 120 12.38 -5.21 -0.80
N LEU A 121 12.55 -4.96 0.50
CA LEU A 121 12.61 -3.63 1.05
C LEU A 121 14.00 -2.96 0.86
N LEU A 122 14.94 -3.68 0.28
CA LEU A 122 16.31 -3.22 0.27
C LEU A 122 16.54 -2.04 -0.69
N PRO A 123 15.94 -2.08 -1.89
CA PRO A 123 16.02 -0.91 -2.74
C PRO A 123 15.57 0.35 -2.02
N HIS A 124 14.55 0.21 -1.19
CA HIS A 124 14.04 1.35 -0.45
C HIS A 124 15.01 1.76 0.64
N MET A 125 15.60 0.78 1.32
CA MET A 125 16.52 1.06 2.40
C MET A 125 17.78 1.71 1.83
N ALA A 126 18.17 1.27 0.64
CA ALA A 126 19.34 1.81 -0.01
C ALA A 126 19.10 3.28 -0.32
N ASP A 127 17.91 3.59 -0.83
CA ASP A 127 17.51 4.97 -1.06
C ASP A 127 17.49 5.80 0.21
N MET A 128 16.97 5.25 1.31
CA MET A 128 16.96 5.92 2.60
C MET A 128 18.37 6.18 3.12
N SER A 129 19.23 5.17 3.02
CA SER A 129 20.59 5.25 3.56
C SER A 129 21.39 6.25 2.79
N THR A 130 21.19 6.26 1.48
CA THR A 130 21.86 7.17 0.59
C THR A 130 21.48 8.61 0.92
N TYR A 131 20.18 8.90 1.08
CA TYR A 131 19.71 10.20 1.57
C TYR A 131 20.36 10.53 2.90
N MET A 132 20.41 9.58 3.82
CA MET A 132 21.06 9.84 5.12
C MET A 132 22.53 10.21 4.94
N PHE A 133 23.22 9.50 4.08
CA PHE A 133 24.64 9.71 3.94
C PHE A 133 24.95 11.01 3.28
N LYS A 134 24.15 11.44 2.30
CA LYS A 134 24.35 12.76 1.73
C LYS A 134 24.31 13.81 2.83
N GLY A 135 23.46 13.63 3.83
CA GLY A 135 23.37 14.58 4.91
C GLY A 135 24.61 14.56 5.81
N ILE A 136 25.17 13.37 5.94
CA ILE A 136 26.39 13.17 6.71
C ILE A 136 27.57 13.84 6.04
N ILE A 137 27.70 13.66 4.73
CA ILE A 137 28.75 14.31 3.97
C ILE A 137 28.66 15.84 4.16
N SER A 138 27.44 16.38 4.10
CA SER A 138 27.27 17.81 4.32
C SER A 138 27.70 18.25 5.72
N PHE A 139 27.36 17.40 6.70
CA PHE A 139 27.67 17.65 8.11
C PHE A 139 29.14 17.80 8.23
N ALA A 140 29.85 16.80 7.75
CA ALA A 140 31.29 16.80 7.80
C ALA A 140 31.83 18.08 7.13
N LYS A 141 31.40 18.33 5.90
CA LYS A 141 31.85 19.49 5.10
C LYS A 141 31.70 20.81 5.79
N VAL A 142 30.80 20.93 6.75
CA VAL A 142 30.62 22.21 7.46
C VAL A 142 31.58 22.38 8.63
N ILE A 143 32.28 21.33 9.00
CA ILE A 143 33.18 21.38 10.13
C ILE A 143 34.57 21.87 9.67
N SER A 144 35.01 22.98 10.24
CA SER A 144 36.32 23.58 9.94
C SER A 144 37.45 22.56 10.00
N TYR A 145 37.51 21.78 11.05
CA TYR A 145 38.63 20.85 11.26
C TYR A 145 38.68 19.78 10.18
N PHE A 146 37.52 19.43 9.66
CA PHE A 146 37.42 18.43 8.60
C PHE A 146 37.79 19.03 7.24
N ARG A 147 37.31 20.24 6.98
CA ARG A 147 37.66 21.00 5.78
C ARG A 147 39.20 21.20 5.63
N ASP A 148 39.88 21.50 6.72
CA ASP A 148 41.33 21.68 6.68
C ASP A 148 42.08 20.43 6.23
N LEU A 149 41.49 19.23 6.41
CA LEU A 149 42.16 17.97 6.07
C LEU A 149 42.35 17.81 4.58
N PRO A 150 43.41 17.10 4.16
CA PRO A 150 43.56 16.78 2.75
C PRO A 150 42.45 15.87 2.24
N ILE A 151 42.03 16.12 1.01
CA ILE A 151 40.89 15.47 0.42
C ILE A 151 40.82 13.95 0.60
N GLU A 152 41.96 13.27 0.58
CA GLU A 152 41.94 11.81 0.57
C GLU A 152 41.55 11.32 1.97
N ASP A 153 42.02 12.04 2.99
CA ASP A 153 41.60 11.80 4.37
C ASP A 153 40.10 12.08 4.60
N GLN A 154 39.59 13.17 4.05
CA GLN A 154 38.17 13.43 4.06
C GLN A 154 37.37 12.22 3.55
N ILE A 155 37.82 11.63 2.44
CA ILE A 155 37.17 10.50 1.84
C ILE A 155 37.30 9.29 2.72
N SER A 156 38.51 9.03 3.19
CA SER A 156 38.73 7.86 4.02
C SER A 156 37.97 7.93 5.36
N LEU A 157 37.92 9.10 5.98
CA LEU A 157 37.10 9.26 7.17
C LEU A 157 35.59 9.04 6.89
N LEU A 158 35.05 9.67 5.86
CA LEU A 158 33.65 9.43 5.48
C LEU A 158 33.33 8.00 5.09
N LYS A 159 34.19 7.34 4.34
CA LYS A 159 33.99 5.92 4.04
C LYS A 159 33.97 5.12 5.35
N GLY A 160 34.77 5.49 6.34
CA GLY A 160 34.86 4.69 7.54
C GLY A 160 33.75 4.90 8.55
N ALA A 161 33.12 6.06 8.52
CA ALA A 161 32.12 6.41 9.54
C ALA A 161 30.68 6.47 9.04
N ALA A 162 30.48 6.34 7.74
CA ALA A 162 29.17 6.56 7.14
C ALA A 162 28.10 5.78 7.87
N PHE A 163 28.32 4.49 8.04
CA PHE A 163 27.34 3.62 8.65
C PHE A 163 27.04 4.09 10.07
N GLU A 164 28.08 4.35 10.83
CA GLU A 164 27.94 4.75 12.23
C GLU A 164 27.20 6.08 12.39
N LEU A 165 27.54 7.06 11.57
CA LEU A 165 26.85 8.36 11.64
C LEU A 165 25.38 8.23 11.22
N CYS A 166 25.05 7.36 10.27
CA CYS A 166 23.67 7.20 9.92
C CYS A 166 22.91 6.62 11.10
N GLN A 167 23.48 5.55 11.69
CA GLN A 167 22.81 4.90 12.81
C GLN A 167 22.60 5.87 13.96
N LEU A 168 23.59 6.69 14.27
CA LEU A 168 23.42 7.64 15.35
C LEU A 168 22.34 8.62 15.03
N ARG A 169 22.29 9.09 13.78
CA ARG A 169 21.21 10.02 13.43
C ARG A 169 19.88 9.34 13.57
N PHE A 170 19.77 8.12 13.05
CA PHE A 170 18.53 7.34 13.13
C PHE A 170 18.10 7.06 14.53
N ASN A 171 19.05 6.94 15.45
CA ASN A 171 18.69 6.73 16.86
C ASN A 171 17.86 7.87 17.38
N THR A 172 18.13 9.08 16.93
CA THR A 172 17.40 10.25 17.46
C THR A 172 15.96 10.29 17.04
N VAL A 173 15.57 9.52 16.02
CA VAL A 173 14.15 9.43 15.63
C VAL A 173 13.59 8.04 15.95
N PHE A 174 14.31 7.25 16.74
CA PHE A 174 13.79 5.95 17.24
C PHE A 174 12.95 6.13 18.50
N ASN A 175 11.75 5.58 18.48
CA ASN A 175 10.85 5.60 19.63
C ASN A 175 10.93 4.25 20.29
N ALA A 176 11.51 4.18 21.48
CA ALA A 176 11.73 2.90 22.16
C ALA A 176 10.42 2.32 22.69
N GLU A 177 9.43 3.17 22.96
CA GLU A 177 8.12 2.71 23.47
C GLU A 177 7.50 1.78 22.42
N THR A 178 7.39 2.25 21.18
CA THR A 178 6.70 1.50 20.10
C THR A 178 7.65 0.76 19.12
N GLY A 179 8.95 0.72 19.38
CA GLY A 179 9.93 0.05 18.50
C GLY A 179 9.91 0.57 17.06
N THR A 180 9.79 1.89 16.92
CA THR A 180 9.59 2.51 15.61
C THR A 180 10.56 3.68 15.34
N TRP A 181 11.16 3.68 14.18
CA TRP A 181 11.84 4.88 13.68
C TRP A 181 10.86 5.83 12.99
N GLU A 182 10.68 7.03 13.49
CA GLU A 182 9.71 7.96 12.94
C GLU A 182 10.38 8.97 12.05
N CYS A 183 10.39 8.70 10.75
CA CYS A 183 11.10 9.50 9.77
C CYS A 183 10.12 10.35 8.98
N GLY A 184 9.54 11.35 9.62
CA GLY A 184 8.63 12.25 8.93
C GLY A 184 7.35 11.54 8.60
N ARG A 185 6.94 11.59 7.34
CA ARG A 185 5.74 10.87 6.90
C ARG A 185 5.97 9.36 6.74
N LEU A 186 7.21 8.90 6.96
CA LEU A 186 7.56 7.46 6.94
C LEU A 186 7.79 6.91 8.34
N SER A 187 7.49 5.63 8.54
CA SER A 187 7.81 4.94 9.79
C SER A 187 8.22 3.52 9.49
N TYR A 188 9.20 3.01 10.24
CA TYR A 188 9.68 1.65 10.10
C TYR A 188 9.43 1.03 11.43
N CYS A 189 8.72 -0.08 11.47
CA CYS A 189 8.42 -0.76 12.76
C CYS A 189 8.88 -2.19 12.68
N LEU A 190 8.94 -2.90 13.80
CA LEU A 190 9.35 -4.34 13.73
C LEU A 190 8.57 -5.25 14.68
N LEU A 201 14.80 -8.57 19.96
CA LEU A 201 15.93 -7.68 19.95
C LEU A 201 17.20 -8.35 20.50
N LEU A 202 17.46 -9.56 20.02
CA LEU A 202 18.78 -10.17 20.11
C LEU A 202 19.59 -9.80 18.86
N GLU A 203 18.96 -9.27 17.80
CA GLU A 203 19.72 -8.69 16.68
C GLU A 203 20.50 -7.50 17.23
N PRO A 204 21.84 -7.54 17.13
CA PRO A 204 22.66 -6.43 17.64
C PRO A 204 22.22 -5.01 17.23
N MET A 205 21.74 -4.83 16.01
CA MET A 205 21.35 -3.52 15.54
C MET A 205 20.16 -2.98 16.31
N LEU A 206 19.20 -3.84 16.59
CA LEU A 206 18.04 -3.44 17.38
C LEU A 206 18.44 -3.21 18.86
N LYS A 207 19.27 -4.07 19.43
CA LYS A 207 19.76 -3.85 20.81
C LYS A 207 20.48 -2.50 20.97
N PHE A 208 21.34 -2.19 20.02
CA PHE A 208 22.06 -0.94 19.96
C PHE A 208 21.06 0.23 20.05
N HIS A 209 20.02 0.20 19.22
CA HIS A 209 19.09 1.29 19.30
C HIS A 209 18.43 1.39 20.67
N TYR A 210 18.08 0.26 21.28
CA TYR A 210 17.44 0.29 22.62
C TYR A 210 18.45 0.79 23.65
N MET A 211 19.64 0.20 23.67
CA MET A 211 20.62 0.59 24.65
C MET A 211 20.96 2.07 24.55
N LEU A 212 21.20 2.56 23.33
CA LEU A 212 21.63 3.95 23.15
C LEU A 212 20.52 4.88 23.54
N LYS A 213 19.28 4.47 23.29
CA LYS A 213 18.15 5.32 23.63
C LYS A 213 17.93 5.43 25.13
N LYS A 214 18.28 4.37 25.85
CA LYS A 214 18.08 4.29 27.30
C LYS A 214 19.00 5.31 28.01
N LEU A 215 20.15 5.63 27.42
CA LEU A 215 21.05 6.60 28.01
C LEU A 215 20.51 8.02 28.01
N GLN A 216 19.47 8.27 27.21
CA GLN A 216 18.77 9.58 27.11
C GLN A 216 19.69 10.74 26.90
N LEU A 217 20.49 10.66 25.85
CA LEU A 217 21.47 11.68 25.56
C LEU A 217 20.85 12.95 25.02
N HIS A 218 21.53 14.05 25.27
CA HIS A 218 21.18 15.32 24.74
C HIS A 218 21.68 15.42 23.29
N GLU A 219 21.17 16.41 22.58
CA GLU A 219 21.60 16.70 21.23
C GLU A 219 23.10 16.86 21.16
N GLU A 220 23.64 17.64 22.08
CA GLU A 220 25.07 17.94 22.08
C GLU A 220 25.89 16.67 22.27
N GLU A 221 25.41 15.74 23.11
CA GLU A 221 26.12 14.46 23.25
C GLU A 221 26.05 13.69 21.95
N TYR A 222 24.92 13.72 21.26
CA TYR A 222 24.85 12.98 19.99
C TYR A 222 25.84 13.55 19.01
N VAL A 223 25.91 14.86 18.95
CA VAL A 223 26.74 15.48 17.94
C VAL A 223 28.23 15.30 18.23
N LEU A 224 28.61 15.29 19.51
CA LEU A 224 29.97 14.91 19.91
C LEU A 224 30.30 13.45 19.62
N MET A 225 29.37 12.51 19.87
CA MET A 225 29.55 11.13 19.41
C MET A 225 29.80 11.05 17.92
N GLN A 226 29.09 11.84 17.14
CA GLN A 226 29.28 11.82 15.70
C GLN A 226 30.70 12.30 15.37
N ALA A 227 31.12 13.41 15.98
CA ALA A 227 32.49 13.93 15.79
C ALA A 227 33.50 12.88 16.15
N ILE A 228 33.35 12.24 17.31
CA ILE A 228 34.31 11.22 17.76
C ILE A 228 34.36 10.03 16.83
N SER A 229 33.25 9.68 16.24
CA SER A 229 33.23 8.58 15.29
C SER A 229 33.88 8.99 13.93
N LEU A 230 33.67 10.24 13.51
CA LEU A 230 34.12 10.76 12.22
C LEU A 230 35.64 10.95 12.17
N PHE A 231 36.18 11.58 13.20
CA PHE A 231 37.62 11.77 13.35
C PHE A 231 38.31 10.61 14.09
N SER A 232 38.22 9.41 13.52
CA SER A 232 38.87 8.22 14.04
C SER A 232 40.19 8.11 13.32
N PRO A 233 41.29 8.06 14.07
CA PRO A 233 42.58 8.05 13.43
C PRO A 233 42.88 6.72 12.78
N ASP A 234 42.20 5.64 13.20
CA ASP A 234 42.53 4.30 12.70
C ASP A 234 41.64 3.73 11.59
N ARG A 235 41.05 4.55 10.73
CA ARG A 235 40.34 4.00 9.56
C ARG A 235 41.33 3.58 8.46
N PRO A 236 40.96 2.57 7.67
CA PRO A 236 41.76 2.18 6.49
C PRO A 236 42.07 3.31 5.48
N GLY A 237 43.16 4.03 5.67
CA GLY A 237 43.73 4.88 4.59
C GLY A 237 44.06 6.32 4.95
N VAL A 238 44.33 6.56 6.23
CA VAL A 238 44.42 7.92 6.74
C VAL A 238 45.89 8.31 6.78
N LEU A 239 46.20 9.46 6.20
CA LEU A 239 47.58 9.95 6.15
C LEU A 239 47.83 10.79 7.37
N GLN A 240 46.93 11.72 7.63
CA GLN A 240 47.10 12.60 8.77
C GLN A 240 46.67 11.95 10.08
N HIS A 241 47.06 10.70 10.31
CA HIS A 241 46.78 9.98 11.56
C HIS A 241 47.01 10.80 12.85
N ARG A 242 48.11 11.55 12.93
CA ARG A 242 48.44 12.25 14.18
C ARG A 242 47.50 13.42 14.44
N VAL A 243 47.23 14.23 13.41
CA VAL A 243 46.28 15.34 13.53
C VAL A 243 44.86 14.82 13.90
N VAL A 244 44.43 13.76 13.21
CA VAL A 244 43.12 13.22 13.43
C VAL A 244 43.00 12.69 14.85
N ASP A 245 44.05 12.05 15.35
CA ASP A 245 44.08 11.54 16.73
C ASP A 245 43.97 12.67 17.70
N GLN A 246 44.60 13.78 17.39
CA GLN A 246 44.52 14.97 18.26
C GLN A 246 43.12 15.55 18.28
N LEU A 247 42.50 15.64 17.12
CA LEU A 247 41.13 16.13 17.05
C LEU A 247 40.14 15.18 17.76
N GLN A 248 40.27 13.88 17.54
CA GLN A 248 39.42 12.97 18.22
C GLN A 248 39.45 13.24 19.69
N GLU A 249 40.66 13.39 20.26
CA GLU A 249 40.84 13.55 21.71
C GLU A 249 40.25 14.87 22.25
N GLN A 250 40.34 15.95 21.48
CA GLN A 250 39.71 17.20 21.92
C GLN A 250 38.21 17.07 21.94
N PHE A 251 37.65 16.40 20.94
CA PHE A 251 36.20 16.10 20.95
C PHE A 251 35.83 15.22 22.12
N ALA A 252 36.63 14.20 22.40
CA ALA A 252 36.37 13.38 23.59
C ALA A 252 36.46 14.13 24.91
N ILE A 253 37.40 15.05 25.03
CA ILE A 253 37.57 15.81 26.29
C ILE A 253 36.41 16.75 26.48
N THR A 254 35.98 17.36 25.40
CA THR A 254 34.83 18.25 25.46
C THR A 254 33.57 17.48 25.87
N LEU A 255 33.42 16.25 25.37
CA LEU A 255 32.29 15.39 25.72
C LEU A 255 32.33 15.01 27.19
N LYS A 256 33.52 14.63 27.66
CA LYS A 256 33.76 14.35 29.08
C LYS A 256 33.43 15.57 29.93
N SER A 257 33.81 16.75 29.46
CA SER A 257 33.56 17.94 30.25
C SER A 257 32.10 18.26 30.21
N TYR A 258 31.51 18.16 29.01
CA TYR A 258 30.09 18.48 28.85
C TYR A 258 29.32 17.65 29.86
N ILE A 259 29.69 16.38 29.99
CA ILE A 259 28.98 15.50 30.89
C ILE A 259 29.22 15.89 32.36
N GLU A 260 30.48 16.16 32.73
CA GLU A 260 30.82 16.66 34.08
C GLU A 260 30.00 17.88 34.43
N CYS A 261 29.93 18.85 33.52
CA CYS A 261 29.30 20.16 33.81
C CYS A 261 27.79 20.21 33.69
N ASN A 262 27.13 19.13 33.28
CA ASN A 262 25.68 19.17 33.03
C ASN A 262 24.87 18.01 33.54
N ARG A 263 25.54 17.01 34.11
CA ARG A 263 24.84 15.82 34.54
C ARG A 263 25.42 15.52 35.93
N ALA A 267 26.64 8.75 39.72
CA ALA A 267 25.38 9.36 39.23
C ALA A 267 25.15 9.05 37.71
N HIS A 268 25.54 10.01 36.84
CA HIS A 268 25.96 9.73 35.45
C HIS A 268 27.49 9.53 35.40
N ARG A 269 28.04 8.84 36.41
CA ARG A 269 29.48 8.84 36.66
C ARG A 269 30.27 8.08 35.60
N PHE A 270 29.65 7.16 34.87
CA PHE A 270 30.34 6.47 33.78
C PHE A 270 29.71 6.72 32.37
N LEU A 271 28.90 7.76 32.23
CA LEU A 271 28.21 8.00 31.01
C LEU A 271 29.16 8.11 29.80
N PHE A 272 30.22 8.88 29.93
CA PHE A 272 31.22 9.00 28.87
C PHE A 272 31.75 7.64 28.38
N LEU A 273 32.11 6.76 29.30
CA LEU A 273 32.63 5.42 28.94
C LEU A 273 31.49 4.57 28.36
N LYS A 274 30.28 4.74 28.87
CA LYS A 274 29.15 4.05 28.26
C LYS A 274 28.99 4.50 26.78
N ILE A 275 29.08 5.79 26.55
CA ILE A 275 29.08 6.30 25.21
C ILE A 275 30.19 5.65 24.36
N MET A 276 31.43 5.63 24.86
CA MET A 276 32.56 5.01 24.10
C MET A 276 32.36 3.52 23.86
N ALA A 277 31.74 2.82 24.80
CA ALA A 277 31.49 1.39 24.60
C ALA A 277 30.47 1.16 23.48
N MET A 278 29.49 2.05 23.39
CA MET A 278 28.48 2.01 22.31
C MET A 278 29.14 2.28 20.95
N LEU A 279 30.07 3.23 20.87
CA LEU A 279 30.79 3.44 19.64
C LEU A 279 31.50 2.19 19.21
N THR A 280 32.18 1.53 20.14
CA THR A 280 32.89 0.29 19.87
C THR A 280 31.94 -0.81 19.41
N GLU A 281 30.81 -0.95 20.05
CA GLU A 281 29.86 -1.97 19.67
C GLU A 281 29.41 -1.65 18.22
N LEU A 282 29.25 -0.35 17.95
CA LEU A 282 28.70 0.13 16.70
C LEU A 282 29.70 -0.11 15.60
N ARG A 283 30.97 0.06 15.94
CA ARG A 283 32.06 -0.30 15.05
C ARG A 283 32.08 -1.79 14.75
N SER A 284 31.55 -2.61 15.62
CA SER A 284 31.54 -4.07 15.39
C SER A 284 30.30 -4.56 14.60
N ILE A 285 29.12 -3.97 14.85
CA ILE A 285 27.92 -4.19 14.00
C ILE A 285 28.14 -3.80 12.52
N ASN A 286 28.78 -2.65 12.30
CA ASN A 286 29.23 -2.21 10.99
C ASN A 286 29.99 -3.30 10.22
N ALA A 287 30.92 -3.95 10.91
CA ALA A 287 31.71 -5.00 10.30
C ALA A 287 30.80 -6.11 9.88
N GLN A 288 29.93 -6.51 10.78
CA GLN A 288 29.05 -7.65 10.50
C GLN A 288 28.09 -7.31 9.37
N HIS A 289 27.64 -6.06 9.33
CA HIS A 289 26.53 -5.70 8.48
C HIS A 289 27.03 -5.44 7.07
N THR A 290 28.18 -4.81 6.98
CA THR A 290 28.86 -4.71 5.71
C THR A 290 29.10 -6.08 5.08
N GLN A 291 29.53 -7.07 5.88
CA GLN A 291 29.81 -8.40 5.32
C GLN A 291 28.52 -8.98 4.72
N ARG A 292 27.42 -8.89 5.47
CA ARG A 292 26.11 -9.36 5.01
C ARG A 292 25.60 -8.62 3.74
N LEU A 293 25.87 -7.32 3.63
CA LEU A 293 25.33 -6.52 2.55
C LEU A 293 26.12 -6.76 1.26
N LEU A 294 27.43 -6.96 1.39
CA LEU A 294 28.27 -7.45 0.29
C LEU A 294 27.79 -8.80 -0.28
N ARG A 295 27.46 -9.76 0.58
CA ARG A 295 26.96 -11.05 0.10
C ARG A 295 25.69 -10.88 -0.69
N ILE A 296 24.74 -10.13 -0.13
CA ILE A 296 23.44 -9.92 -0.79
C ILE A 296 23.62 -9.18 -2.13
N GLN A 297 24.52 -8.21 -2.15
CA GLN A 297 24.71 -7.35 -3.30
C GLN A 297 25.28 -8.11 -4.51
N ASP A 298 26.14 -9.11 -4.25
CA ASP A 298 26.69 -9.98 -5.33
C ASP A 298 25.63 -10.79 -6.06
N ILE A 299 24.69 -11.37 -5.30
CA ILE A 299 23.58 -12.12 -5.86
C ILE A 299 22.55 -11.18 -6.47
N HIS A 300 21.91 -10.35 -5.64
CA HIS A 300 20.86 -9.42 -6.06
C HIS A 300 21.25 -7.94 -5.89
N PRO A 301 21.99 -7.36 -6.86
CA PRO A 301 22.38 -5.94 -6.82
C PRO A 301 21.25 -4.99 -6.44
N PHE A 302 21.43 -4.20 -5.38
CA PHE A 302 20.42 -3.25 -4.92
C PHE A 302 20.99 -1.83 -4.59
N ALA A 303 22.31 -1.73 -4.48
CA ALA A 303 22.95 -0.52 -3.96
C ALA A 303 22.97 0.63 -4.96
N THR A 304 22.76 1.86 -4.46
CA THR A 304 22.96 3.06 -5.24
C THR A 304 24.45 3.27 -5.60
N PRO A 305 24.72 4.11 -6.59
CA PRO A 305 26.11 4.41 -6.97
C PRO A 305 26.94 4.87 -5.79
N LEU A 306 26.37 5.71 -4.96
CA LEU A 306 27.08 6.23 -3.81
C LEU A 306 27.38 5.11 -2.85
N MET A 307 26.41 4.21 -2.60
CA MET A 307 26.72 3.07 -1.74
C MET A 307 27.82 2.20 -2.33
N GLN A 308 27.75 1.91 -3.62
CA GLN A 308 28.77 1.10 -4.28
C GLN A 308 30.17 1.67 -4.06
N GLU A 309 30.32 2.97 -4.23
CA GLU A 309 31.57 3.62 -3.84
C GLU A 309 31.94 3.36 -2.39
N LEU A 310 31.03 3.60 -1.46
CA LEU A 310 31.30 3.29 -0.05
C LEU A 310 31.74 1.85 0.20
N PHE A 311 31.17 0.88 -0.48
CA PHE A 311 31.49 -0.53 -0.19
C PHE A 311 32.69 -1.05 -0.96
N GLY A 312 33.29 -0.19 -1.79
CA GLY A 312 34.34 -0.63 -2.71
C GLY A 312 33.82 -1.58 -3.78
N ILE A 313 32.53 -1.50 -4.07
CA ILE A 313 31.92 -2.29 -5.15
C ILE A 313 32.22 -1.62 -6.50
N THR A 314 32.31 -2.43 -7.56
CA THR A 314 32.63 -1.95 -8.90
C THR A 314 31.54 -2.50 -9.82
N GLY B 21 -37.45 -33.85 -6.28
CA GLY B 21 -36.07 -34.06 -5.73
C GLY B 21 -34.99 -34.20 -6.80
N VAL B 22 -34.19 -33.16 -7.04
CA VAL B 22 -33.06 -33.20 -7.97
C VAL B 22 -33.47 -33.35 -9.46
N GLN B 23 -34.05 -34.51 -9.81
CA GLN B 23 -34.61 -34.77 -11.16
C GLN B 23 -36.10 -34.40 -11.28
N GLY B 24 -36.67 -33.68 -10.30
CA GLY B 24 -38.04 -33.16 -10.42
C GLY B 24 -38.18 -31.94 -11.36
N LEU B 25 -37.17 -31.72 -12.19
CA LEU B 25 -37.11 -30.62 -13.13
C LEU B 25 -37.25 -31.17 -14.51
N THR B 26 -37.85 -30.40 -15.39
CA THR B 26 -38.01 -30.82 -16.77
C THR B 26 -36.64 -30.87 -17.43
N GLU B 27 -36.53 -31.59 -18.54
CA GLU B 27 -35.28 -31.59 -19.30
C GLU B 27 -34.92 -30.14 -19.65
N GLU B 28 -35.90 -29.35 -20.05
CA GLU B 28 -35.66 -27.99 -20.52
C GLU B 28 -35.10 -27.13 -19.36
N GLN B 29 -35.66 -27.32 -18.17
CA GLN B 29 -35.16 -26.61 -17.00
C GLN B 29 -33.74 -26.99 -16.67
N ARG B 30 -33.45 -28.27 -16.73
CA ARG B 30 -32.09 -28.72 -16.47
C ARG B 30 -31.10 -28.17 -17.46
N MET B 31 -31.49 -27.99 -18.72
CA MET B 31 -30.51 -27.53 -19.71
C MET B 31 -30.27 -26.03 -19.49
N MET B 32 -31.29 -25.32 -19.01
CA MET B 32 -31.22 -23.87 -18.77
C MET B 32 -30.23 -23.59 -17.63
N ILE B 33 -30.38 -24.33 -16.55
CA ILE B 33 -29.49 -24.19 -15.43
C ILE B 33 -28.06 -24.52 -15.86
N ARG B 34 -27.90 -25.56 -16.67
CA ARG B 34 -26.57 -25.97 -17.12
C ARG B 34 -25.96 -24.89 -18.03
N GLU B 35 -26.74 -24.29 -18.92
CA GLU B 35 -26.20 -23.28 -19.81
C GLU B 35 -25.70 -22.10 -18.97
N LEU B 36 -26.50 -21.72 -17.97
CA LEU B 36 -26.21 -20.56 -17.14
C LEU B 36 -25.00 -20.78 -16.23
N MET B 37 -24.95 -21.96 -15.63
CA MET B 37 -23.83 -22.36 -14.79
C MET B 37 -22.54 -22.39 -15.60
N ASP B 38 -22.63 -22.87 -16.83
CA ASP B 38 -21.48 -22.96 -17.64
C ASP B 38 -21.02 -21.53 -18.07
N ALA B 39 -21.97 -20.63 -18.37
CA ALA B 39 -21.67 -19.23 -18.70
C ALA B 39 -21.00 -18.55 -17.54
N GLN B 40 -21.40 -18.92 -16.33
CA GLN B 40 -20.89 -18.27 -15.13
C GLN B 40 -19.48 -18.74 -14.95
N MET B 41 -19.25 -20.05 -15.09
CA MET B 41 -17.86 -20.57 -14.99
C MET B 41 -16.93 -19.94 -16.04
N LYS B 42 -17.37 -19.88 -17.29
CA LYS B 42 -16.53 -19.29 -18.33
C LYS B 42 -16.26 -17.81 -18.16
N THR B 43 -17.07 -17.06 -17.39
CA THR B 43 -16.94 -15.61 -17.41
C THR B 43 -16.82 -14.91 -16.08
N PHE B 44 -16.61 -15.69 -15.04
CA PHE B 44 -16.47 -15.11 -13.72
C PHE B 44 -15.21 -15.70 -13.17
N ASP B 45 -14.14 -14.89 -13.24
CA ASP B 45 -12.85 -15.23 -12.63
C ASP B 45 -12.92 -14.87 -11.15
N THR B 46 -13.17 -15.85 -10.30
CA THR B 46 -13.42 -15.59 -8.88
C THR B 46 -12.14 -15.21 -8.15
N THR B 47 -11.01 -15.62 -8.72
CA THR B 47 -9.70 -15.26 -8.19
C THR B 47 -9.19 -13.89 -8.67
N PHE B 48 -9.93 -13.20 -9.52
CA PHE B 48 -9.47 -11.93 -10.10
C PHE B 48 -8.04 -11.95 -10.61
N SER B 49 -7.58 -13.11 -11.07
CA SER B 49 -6.21 -13.23 -11.55
C SER B 49 -5.85 -12.27 -12.73
N HIS B 50 -6.81 -11.82 -13.51
CA HIS B 50 -6.51 -11.01 -14.69
C HIS B 50 -6.90 -9.55 -14.49
N PHE B 51 -7.18 -9.16 -13.26
CA PHE B 51 -7.47 -7.78 -12.93
C PHE B 51 -6.14 -7.09 -12.68
N LYS B 52 -5.72 -6.26 -13.65
CA LYS B 52 -4.38 -5.66 -13.65
C LYS B 52 -4.39 -4.17 -14.07
N ASN B 53 -3.30 -3.47 -13.75
CA ASN B 53 -3.12 -2.06 -14.18
C ASN B 53 -4.22 -1.13 -13.73
N PHE B 54 -4.76 -1.37 -12.56
CA PHE B 54 -5.77 -0.51 -12.00
C PHE B 54 -5.14 0.67 -11.27
N ARG B 55 -5.86 1.76 -11.18
CA ARG B 55 -5.45 2.93 -10.39
C ARG B 55 -5.51 2.60 -8.89
N LEU B 56 -4.65 3.27 -8.11
CA LEU B 56 -4.54 3.05 -6.68
C LEU B 56 -4.42 4.44 -6.05
N PRO B 57 -4.99 4.64 -4.84
CA PRO B 57 -4.82 5.95 -4.22
C PRO B 57 -3.33 6.22 -3.93
N GLY B 58 -2.85 7.39 -4.34
CA GLY B 58 -1.41 7.67 -4.42
C GLY B 58 -0.72 7.68 -3.06
N VAL B 59 0.61 7.46 -3.11
CA VAL B 59 1.48 7.44 -1.92
C VAL B 59 1.73 8.84 -1.36
N CYS B 89 -19.14 8.02 2.52
CA CYS B 89 -18.52 7.93 3.86
C CYS B 89 -19.09 6.80 4.75
N SER B 90 -20.33 6.37 4.47
CA SER B 90 -20.88 5.15 5.06
C SER B 90 -20.40 3.86 4.36
N LEU B 91 -20.05 3.98 3.07
CA LEU B 91 -19.42 2.89 2.32
C LEU B 91 -17.90 3.02 2.24
N LYS B 92 -17.25 3.54 3.28
CA LYS B 92 -15.78 3.65 3.31
C LYS B 92 -15.18 2.26 3.48
N VAL B 93 -14.22 1.91 2.60
CA VAL B 93 -13.48 0.66 2.73
C VAL B 93 -11.97 0.89 2.83
N SER B 94 -11.31 0.00 3.54
CA SER B 94 -9.88 -0.13 3.41
C SER B 94 -9.61 -1.20 2.33
N LEU B 95 -8.44 -1.13 1.73
CA LEU B 95 -8.06 -1.93 0.59
C LEU B 95 -6.81 -2.69 0.98
N GLN B 96 -6.76 -4.00 0.70
CA GLN B 96 -5.60 -4.82 1.02
C GLN B 96 -5.08 -5.49 -0.24
N LEU B 97 -3.78 -5.49 -0.48
CA LEU B 97 -3.18 -6.19 -1.64
C LEU B 97 -2.12 -7.17 -1.20
N ARG B 98 -2.31 -8.45 -1.44
CA ARG B 98 -1.35 -9.49 -1.07
C ARG B 98 -0.50 -9.76 -2.29
N GLY B 99 0.80 -9.51 -2.20
CA GLY B 99 1.70 -9.80 -3.30
C GLY B 99 1.83 -11.29 -3.46
N GLU B 100 2.17 -11.72 -4.68
CA GLU B 100 2.47 -13.13 -4.97
C GLU B 100 3.45 -13.74 -3.96
N ASP B 101 4.33 -12.90 -3.43
CA ASP B 101 5.43 -13.32 -2.55
C ASP B 101 5.08 -13.45 -1.07
N GLY B 102 3.86 -13.12 -0.66
CA GLY B 102 3.46 -13.18 0.77
C GLY B 102 3.28 -11.82 1.45
N SER B 103 3.90 -10.79 0.90
CA SER B 103 3.84 -9.45 1.48
C SER B 103 2.40 -8.87 1.39
N VAL B 104 2.07 -7.95 2.27
CA VAL B 104 0.82 -7.19 2.18
C VAL B 104 1.00 -5.66 2.10
N TRP B 105 0.27 -5.02 1.19
CA TRP B 105 0.06 -3.56 1.25
C TRP B 105 -1.36 -3.26 1.75
N ASN B 106 -1.52 -2.19 2.52
CA ASN B 106 -2.80 -1.82 3.13
C ASN B 106 -3.07 -0.35 2.95
N TYR B 107 -4.26 0.01 2.50
CA TYR B 107 -4.65 1.39 2.44
C TYR B 107 -5.73 1.61 3.45
N LYS B 108 -5.52 2.54 4.39
CA LYS B 108 -6.61 2.99 5.24
C LYS B 108 -7.00 4.37 4.68
N PRO B 109 -8.29 4.63 4.46
CA PRO B 109 -8.58 5.86 3.75
C PRO B 109 -8.69 7.06 4.73
N PRO B 110 -8.69 8.29 4.18
CA PRO B 110 -8.71 9.45 5.07
C PRO B 110 -9.99 9.53 5.88
N ALA B 111 -9.93 10.20 7.02
CA ALA B 111 -11.17 10.65 7.70
C ALA B 111 -11.83 11.81 6.90
N ASP B 112 -13.12 12.05 7.16
CA ASP B 112 -13.82 13.17 6.51
C ASP B 112 -13.30 14.52 7.06
N SER B 113 -12.52 15.23 6.23
CA SER B 113 -11.97 16.57 6.55
C SER B 113 -12.51 17.58 5.53
N GLY B 114 -13.83 17.58 5.37
CA GLY B 114 -14.48 18.23 4.24
C GLY B 114 -14.43 17.25 3.08
N GLY B 115 -13.84 17.69 1.96
CA GLY B 115 -13.77 16.85 0.76
C GLY B 115 -12.55 17.09 -0.10
N LYS B 116 -12.62 16.64 -1.35
CA LYS B 116 -11.47 16.58 -2.28
C LYS B 116 -10.66 15.30 -2.06
N GLU B 117 -10.85 14.62 -0.93
CA GLU B 117 -10.16 13.36 -0.61
C GLU B 117 -11.10 12.24 -0.11
N ILE B 118 -12.38 12.54 0.03
CA ILE B 118 -13.37 11.59 0.53
C ILE B 118 -13.64 10.50 -0.53
N PHE B 119 -13.26 10.77 -1.76
CA PHE B 119 -13.49 9.81 -2.83
C PHE B 119 -12.18 9.16 -3.33
N SER B 120 -11.10 9.29 -2.57
CA SER B 120 -9.74 8.86 -2.96
C SER B 120 -9.64 7.49 -3.69
N LEU B 121 -10.56 6.59 -3.31
CA LEU B 121 -10.66 5.23 -3.79
C LEU B 121 -11.55 5.02 -5.05
N LEU B 122 -12.16 6.05 -5.58
CA LEU B 122 -13.19 5.88 -6.60
C LEU B 122 -12.58 5.51 -7.96
N PRO B 123 -11.47 6.15 -8.34
CA PRO B 123 -10.78 5.70 -9.55
C PRO B 123 -10.55 4.19 -9.51
N HIS B 124 -10.19 3.68 -8.35
CA HIS B 124 -9.89 2.29 -8.23
C HIS B 124 -11.16 1.46 -8.32
N MET B 125 -12.23 1.94 -7.69
CA MET B 125 -13.50 1.25 -7.71
C MET B 125 -14.07 1.25 -9.13
N ALA B 126 -13.84 2.34 -9.84
CA ALA B 126 -14.27 2.44 -11.21
C ALA B 126 -13.55 1.36 -12.06
N ASP B 127 -12.24 1.22 -11.85
CA ASP B 127 -11.46 0.21 -12.55
C ASP B 127 -11.93 -1.20 -12.20
N MET B 128 -12.25 -1.47 -10.94
CA MET B 128 -12.79 -2.75 -10.52
C MET B 128 -14.15 -3.03 -11.15
N SER B 129 -14.99 -2.01 -11.19
CA SER B 129 -16.35 -2.15 -11.61
C SER B 129 -16.37 -2.43 -13.10
N THR B 130 -15.49 -1.74 -13.81
CA THR B 130 -15.32 -1.89 -15.24
C THR B 130 -14.86 -3.31 -15.59
N TYR B 131 -13.85 -3.83 -14.91
CA TYR B 131 -13.49 -5.26 -14.99
C TYR B 131 -14.69 -6.19 -14.69
N MET B 132 -15.46 -5.90 -13.64
CA MET B 132 -16.64 -6.71 -13.37
C MET B 132 -17.60 -6.69 -14.54
N PHE B 133 -17.85 -5.51 -15.08
CA PHE B 133 -18.85 -5.39 -16.08
C PHE B 133 -18.45 -6.05 -17.39
N LYS B 134 -17.18 -5.99 -17.77
CA LYS B 134 -16.74 -6.73 -18.91
C LYS B 134 -17.02 -8.22 -18.72
N GLY B 135 -16.93 -8.75 -17.50
CA GLY B 135 -17.30 -10.15 -17.21
C GLY B 135 -18.80 -10.43 -17.34
N ILE B 136 -19.60 -9.41 -16.98
CA ILE B 136 -21.05 -9.45 -17.09
C ILE B 136 -21.50 -9.42 -18.55
N ILE B 137 -20.89 -8.54 -19.34
CA ILE B 137 -21.14 -8.52 -20.79
C ILE B 137 -20.86 -9.93 -21.36
N SER B 138 -19.73 -10.53 -21.01
CA SER B 138 -19.39 -11.85 -21.54
C SER B 138 -20.42 -12.91 -21.13
N PHE B 139 -20.86 -12.85 -19.89
CA PHE B 139 -21.84 -13.77 -19.34
C PHE B 139 -23.07 -13.74 -20.20
N ALA B 140 -23.58 -12.51 -20.41
CA ALA B 140 -24.75 -12.29 -21.24
C ALA B 140 -24.55 -12.87 -22.64
N LYS B 141 -23.45 -12.47 -23.29
CA LYS B 141 -23.09 -12.92 -24.64
C LYS B 141 -23.09 -14.41 -24.86
N VAL B 142 -22.87 -15.23 -23.82
CA VAL B 142 -22.83 -16.67 -24.07
C VAL B 142 -24.18 -17.31 -23.83
N ILE B 143 -25.18 -16.51 -23.49
CA ILE B 143 -26.52 -17.03 -23.34
C ILE B 143 -27.27 -16.95 -24.69
N SER B 144 -27.71 -18.12 -25.18
CA SER B 144 -28.48 -18.23 -26.45
C SER B 144 -29.65 -17.25 -26.57
N TYR B 145 -30.48 -17.18 -25.53
CA TYR B 145 -31.66 -16.33 -25.56
C TYR B 145 -31.30 -14.86 -25.69
N PHE B 146 -30.16 -14.47 -25.11
CA PHE B 146 -29.70 -13.08 -25.17
C PHE B 146 -29.08 -12.74 -26.54
N ARG B 147 -28.31 -13.67 -27.08
CA ARG B 147 -27.77 -13.56 -28.42
C ARG B 147 -28.85 -13.35 -29.51
N ASP B 148 -29.96 -14.07 -29.39
CA ASP B 148 -31.02 -13.97 -30.36
C ASP B 148 -31.62 -12.59 -30.42
N LEU B 149 -31.51 -11.82 -29.33
CA LEU B 149 -32.14 -10.50 -29.25
C LEU B 149 -31.48 -9.49 -30.18
N PRO B 150 -32.26 -8.51 -30.68
CA PRO B 150 -31.64 -7.47 -31.50
C PRO B 150 -30.66 -6.64 -30.69
N ILE B 151 -29.56 -6.25 -31.32
CA ILE B 151 -28.45 -5.53 -30.67
C ILE B 151 -28.88 -4.39 -29.73
N GLU B 152 -29.96 -3.66 -30.03
CA GLU B 152 -30.32 -2.49 -29.23
C GLU B 152 -30.87 -2.94 -27.90
N ASP B 153 -31.65 -4.00 -27.93
CA ASP B 153 -32.14 -4.63 -26.71
C ASP B 153 -30.99 -5.20 -25.84
N GLN B 154 -30.03 -5.86 -26.46
CA GLN B 154 -28.86 -6.31 -25.77
C GLN B 154 -28.22 -5.16 -24.98
N ILE B 155 -28.09 -4.01 -25.63
CA ILE B 155 -27.50 -2.81 -25.02
C ILE B 155 -28.36 -2.29 -23.91
N SER B 156 -29.65 -2.18 -24.18
CA SER B 156 -30.57 -1.66 -23.17
C SER B 156 -30.68 -2.58 -21.95
N LEU B 157 -30.74 -3.89 -22.15
CA LEU B 157 -30.75 -4.82 -21.02
C LEU B 157 -29.44 -4.71 -20.21
N LEU B 158 -28.29 -4.71 -20.87
CA LEU B 158 -27.01 -4.56 -20.17
C LEU B 158 -26.89 -3.21 -19.45
N LYS B 159 -27.35 -2.12 -20.06
CA LYS B 159 -27.37 -0.82 -19.35
C LYS B 159 -28.21 -0.89 -18.09
N GLY B 160 -29.31 -1.59 -18.16
CA GLY B 160 -30.23 -1.60 -17.06
C GLY B 160 -29.83 -2.53 -15.93
N ALA B 161 -29.04 -3.57 -16.21
CA ALA B 161 -28.74 -4.59 -15.20
C ALA B 161 -27.30 -4.61 -14.70
N ALA B 162 -26.43 -3.81 -15.32
CA ALA B 162 -25.01 -3.89 -15.06
C ALA B 162 -24.76 -3.83 -13.57
N PHE B 163 -25.33 -2.83 -12.92
CA PHE B 163 -25.12 -2.63 -11.50
C PHE B 163 -25.58 -3.87 -10.71
N GLU B 164 -26.79 -4.32 -10.96
CA GLU B 164 -27.35 -5.47 -10.24
C GLU B 164 -26.52 -6.73 -10.39
N LEU B 165 -26.06 -6.99 -11.61
CA LEU B 165 -25.27 -8.19 -11.84
C LEU B 165 -23.91 -8.07 -11.19
N CYS B 166 -23.33 -6.88 -11.14
CA CYS B 166 -22.08 -6.77 -10.45
C CYS B 166 -22.26 -7.09 -8.99
N GLN B 167 -23.27 -6.47 -8.38
CA GLN B 167 -23.56 -6.67 -6.96
C GLN B 167 -23.77 -8.11 -6.64
N LEU B 168 -24.56 -8.81 -7.46
CA LEU B 168 -24.80 -10.23 -7.17
C LEU B 168 -23.51 -11.02 -7.24
N ARG B 169 -22.68 -10.73 -8.23
CA ARG B 169 -21.41 -11.46 -8.34
C ARG B 169 -20.57 -11.16 -7.14
N PHE B 170 -20.48 -9.86 -6.76
CA PHE B 170 -19.73 -9.41 -5.56
C PHE B 170 -20.25 -10.02 -4.28
N ASN B 171 -21.53 -10.25 -4.18
CA ASN B 171 -22.05 -10.96 -2.99
C ASN B 171 -21.44 -12.35 -2.80
N THR B 172 -21.12 -13.04 -3.88
CA THR B 172 -20.55 -14.39 -3.73
C THR B 172 -19.16 -14.41 -3.16
N VAL B 173 -18.45 -13.27 -3.21
CA VAL B 173 -17.11 -13.22 -2.57
C VAL B 173 -17.13 -12.36 -1.29
N PHE B 174 -18.32 -12.01 -0.80
CA PHE B 174 -18.46 -11.27 0.44
C PHE B 174 -18.42 -12.22 1.63
N ASN B 175 -17.55 -11.94 2.59
CA ASN B 175 -17.47 -12.69 3.83
C ASN B 175 -18.23 -11.93 4.88
N ALA B 176 -19.38 -12.46 5.33
CA ALA B 176 -20.21 -11.72 6.30
C ALA B 176 -19.57 -11.67 7.70
N GLU B 177 -18.75 -12.68 8.01
CA GLU B 177 -18.11 -12.76 9.30
C GLU B 177 -17.22 -11.53 9.48
N THR B 178 -16.34 -11.28 8.52
CA THR B 178 -15.31 -10.25 8.59
C THR B 178 -15.67 -8.94 7.87
N GLY B 179 -16.87 -8.85 7.30
CA GLY B 179 -17.29 -7.66 6.54
C GLY B 179 -16.31 -7.34 5.44
N THR B 180 -15.88 -8.38 4.70
CA THR B 180 -14.86 -8.25 3.67
C THR B 180 -15.27 -8.90 2.33
N TRP B 181 -15.08 -8.18 1.24
CA TRP B 181 -15.14 -8.79 -0.09
C TRP B 181 -13.76 -9.34 -0.45
N GLU B 182 -13.65 -10.64 -0.64
CA GLU B 182 -12.36 -11.25 -0.96
C GLU B 182 -12.19 -11.45 -2.45
N CYS B 183 -11.51 -10.52 -3.12
CA CYS B 183 -11.36 -10.51 -4.56
C CYS B 183 -9.97 -10.94 -4.98
N GLY B 184 -9.63 -12.19 -4.76
CA GLY B 184 -8.34 -12.73 -5.16
C GLY B 184 -7.27 -12.19 -4.25
N ARG B 185 -6.24 -11.62 -4.83
CA ARG B 185 -5.20 -11.00 -4.03
C ARG B 185 -5.62 -9.60 -3.49
N LEU B 186 -6.85 -9.13 -3.81
CA LEU B 186 -7.42 -7.89 -3.25
C LEU B 186 -8.48 -8.18 -2.22
N SER B 187 -8.62 -7.29 -1.24
CA SER B 187 -9.72 -7.37 -0.29
C SER B 187 -10.18 -6.00 0.00
N TYR B 188 -11.50 -5.84 0.16
CA TYR B 188 -12.08 -4.57 0.57
C TYR B 188 -12.72 -4.83 1.91
N CYS B 189 -12.33 -4.09 2.94
CA CYS B 189 -12.91 -4.31 4.27
C CYS B 189 -13.65 -3.07 4.71
N LEU B 190 -14.79 -3.31 5.34
CA LEU B 190 -15.53 -2.25 5.98
C LEU B 190 -14.84 -1.87 7.27
N GLU B 191 -14.95 -0.59 7.60
CA GLU B 191 -14.40 -0.04 8.83
C GLU B 191 -15.41 -0.26 9.96
N ASP B 192 -15.03 0.17 11.17
CA ASP B 192 -15.98 0.18 12.30
C ASP B 192 -16.08 1.58 12.90
N GLN B 198 -23.20 -2.14 13.38
CA GLN B 198 -24.65 -2.34 13.26
C GLN B 198 -25.37 -1.15 12.63
N GLN B 199 -24.70 0.01 12.57
CA GLN B 199 -25.24 1.22 11.88
C GLN B 199 -24.93 1.17 10.37
N LEU B 200 -24.05 0.26 9.98
CA LEU B 200 -23.76 -0.02 8.57
C LEU B 200 -25.03 -0.61 7.90
N LEU B 201 -25.87 -1.28 8.69
CA LEU B 201 -27.16 -1.75 8.20
C LEU B 201 -28.17 -0.63 7.89
N LEU B 202 -27.77 0.63 8.10
CA LEU B 202 -28.62 1.74 7.71
C LEU B 202 -28.49 1.82 6.20
N GLU B 203 -27.26 1.72 5.68
CA GLU B 203 -27.04 1.90 4.23
C GLU B 203 -27.61 0.70 3.47
N PRO B 204 -28.61 0.94 2.59
CA PRO B 204 -29.26 -0.16 1.88
C PRO B 204 -28.33 -1.14 1.14
N MET B 205 -27.23 -0.64 0.58
CA MET B 205 -26.27 -1.49 -0.11
C MET B 205 -25.61 -2.50 0.81
N LEU B 206 -25.24 -2.08 2.01
CA LEU B 206 -24.64 -2.97 2.97
C LEU B 206 -25.65 -3.97 3.49
N LYS B 207 -26.85 -3.51 3.80
CA LYS B 207 -27.90 -4.41 4.29
C LYS B 207 -28.19 -5.50 3.30
N PHE B 208 -28.28 -5.11 2.04
CA PHE B 208 -28.42 -6.06 0.93
C PHE B 208 -27.33 -7.13 0.97
N HIS B 209 -26.07 -6.74 1.08
CA HIS B 209 -25.07 -7.80 1.13
C HIS B 209 -25.23 -8.71 2.31
N TYR B 210 -25.53 -8.16 3.48
CA TYR B 210 -25.68 -9.00 4.68
C TYR B 210 -26.93 -9.87 4.56
N MET B 211 -28.06 -9.29 4.14
CA MET B 211 -29.28 -10.10 3.99
C MET B 211 -29.10 -11.22 2.96
N LEU B 212 -28.54 -10.91 1.81
CA LEU B 212 -28.46 -11.87 0.73
C LEU B 212 -27.58 -12.99 1.14
N LYS B 213 -26.56 -12.68 1.92
CA LYS B 213 -25.60 -13.67 2.32
C LYS B 213 -26.20 -14.65 3.34
N LYS B 214 -27.14 -14.18 4.12
CA LYS B 214 -27.78 -14.95 5.19
C LYS B 214 -28.70 -16.01 4.62
N LEU B 215 -29.24 -15.77 3.43
CA LEU B 215 -30.03 -16.80 2.73
C LEU B 215 -29.23 -18.03 2.27
N GLN B 216 -27.89 -17.92 2.21
CA GLN B 216 -26.95 -19.01 1.81
C GLN B 216 -27.31 -19.68 0.53
N LEU B 217 -27.44 -18.92 -0.53
CA LEU B 217 -27.84 -19.47 -1.80
C LEU B 217 -26.77 -20.29 -2.46
N HIS B 218 -27.18 -21.22 -3.28
CA HIS B 218 -26.29 -22.00 -4.11
C HIS B 218 -25.87 -21.19 -5.34
N GLU B 219 -24.84 -21.67 -6.01
CA GLU B 219 -24.39 -21.09 -7.25
C GLU B 219 -25.58 -20.98 -8.24
N GLU B 220 -26.34 -22.06 -8.39
CA GLU B 220 -27.42 -22.10 -9.35
C GLU B 220 -28.46 -21.02 -9.04
N GLU B 221 -28.72 -20.79 -7.75
CA GLU B 221 -29.65 -19.73 -7.41
C GLU B 221 -29.07 -18.38 -7.77
N TYR B 222 -27.77 -18.16 -7.56
CA TYR B 222 -27.20 -16.88 -7.93
C TYR B 222 -27.31 -16.66 -9.41
N VAL B 223 -27.05 -17.70 -10.17
CA VAL B 223 -27.04 -17.52 -11.59
C VAL B 223 -28.43 -17.28 -12.15
N LEU B 224 -29.46 -17.94 -11.56
CA LEU B 224 -30.83 -17.67 -11.97
C LEU B 224 -31.28 -16.28 -11.57
N MET B 225 -30.85 -15.80 -10.40
CA MET B 225 -31.08 -14.42 -10.05
C MET B 225 -30.49 -13.46 -11.09
N GLN B 226 -29.32 -13.76 -11.59
CA GLN B 226 -28.68 -12.92 -12.58
C GLN B 226 -29.54 -12.92 -13.86
N ALA B 227 -29.92 -14.12 -14.32
CA ALA B 227 -30.78 -14.23 -15.51
C ALA B 227 -32.05 -13.39 -15.34
N ILE B 228 -32.73 -13.55 -14.22
CA ILE B 228 -33.95 -12.79 -13.96
C ILE B 228 -33.74 -11.29 -13.95
N SER B 229 -32.61 -10.85 -13.48
CA SER B 229 -32.33 -9.42 -13.46
C SER B 229 -32.00 -8.90 -14.87
N LEU B 230 -31.33 -9.74 -15.66
CA LEU B 230 -30.84 -9.36 -16.99
C LEU B 230 -31.99 -9.24 -17.98
N PHE B 231 -32.86 -10.24 -17.97
CA PHE B 231 -34.03 -10.25 -18.82
C PHE B 231 -35.21 -9.60 -18.11
N SER B 232 -35.08 -8.31 -17.78
CA SER B 232 -36.20 -7.49 -17.26
C SER B 232 -36.88 -6.78 -18.40
N PRO B 233 -38.18 -7.02 -18.57
CA PRO B 233 -38.85 -6.44 -19.72
C PRO B 233 -39.01 -4.92 -19.61
N ASP B 234 -38.96 -4.36 -18.40
CA ASP B 234 -39.29 -2.95 -18.22
C ASP B 234 -38.10 -1.98 -18.09
N ARG B 235 -36.97 -2.28 -18.72
CA ARG B 235 -35.87 -1.31 -18.70
C ARG B 235 -36.14 -0.19 -19.73
N PRO B 236 -35.59 1.02 -19.50
CA PRO B 236 -35.68 2.13 -20.45
C PRO B 236 -35.09 1.84 -21.85
N GLY B 237 -35.91 1.30 -22.76
CA GLY B 237 -35.53 1.26 -24.19
C GLY B 237 -35.66 -0.07 -24.92
N VAL B 238 -36.53 -0.94 -24.42
CA VAL B 238 -36.57 -2.31 -24.89
C VAL B 238 -37.69 -2.43 -25.93
N LEU B 239 -37.35 -2.98 -27.10
CA LEU B 239 -38.32 -3.14 -28.16
C LEU B 239 -39.02 -4.46 -27.99
N GLN B 240 -38.25 -5.52 -27.81
CA GLN B 240 -38.80 -6.86 -27.65
C GLN B 240 -39.33 -7.12 -26.23
N HIS B 241 -40.05 -6.16 -25.67
CA HIS B 241 -40.68 -6.27 -24.34
C HIS B 241 -41.42 -7.57 -24.08
N ARG B 242 -41.99 -8.20 -25.10
CA ARG B 242 -42.90 -9.33 -24.87
C ARG B 242 -42.08 -10.59 -24.77
N VAL B 243 -41.13 -10.75 -25.68
CA VAL B 243 -40.20 -11.88 -25.64
C VAL B 243 -39.38 -11.88 -24.33
N VAL B 244 -38.90 -10.70 -23.94
CA VAL B 244 -38.12 -10.56 -22.74
C VAL B 244 -38.96 -10.93 -21.52
N ASP B 245 -40.22 -10.51 -21.47
CA ASP B 245 -41.12 -10.87 -20.36
C ASP B 245 -41.35 -12.38 -20.32
N GLN B 246 -41.42 -13.02 -21.46
CA GLN B 246 -41.56 -14.49 -21.51
C GLN B 246 -40.33 -15.21 -20.98
N LEU B 247 -39.15 -14.74 -21.39
CA LEU B 247 -37.91 -15.30 -20.89
C LEU B 247 -37.76 -15.07 -19.37
N GLN B 248 -38.07 -13.88 -18.90
CA GLN B 248 -37.95 -13.64 -17.49
C GLN B 248 -38.72 -14.66 -16.72
N GLU B 249 -39.96 -14.89 -17.15
CA GLU B 249 -40.86 -15.80 -16.41
C GLU B 249 -40.39 -17.27 -16.43
N GLN B 250 -39.80 -17.74 -17.54
CA GLN B 250 -39.29 -19.11 -17.56
C GLN B 250 -38.11 -19.23 -16.60
N PHE B 251 -37.24 -18.22 -16.55
CA PHE B 251 -36.14 -18.20 -15.57
C PHE B 251 -36.68 -18.19 -14.12
N ALA B 252 -37.70 -17.37 -13.85
CA ALA B 252 -38.33 -17.42 -12.52
C ALA B 252 -39.00 -18.74 -12.15
N ILE B 253 -39.65 -19.40 -13.13
CA ILE B 253 -40.30 -20.67 -12.85
C ILE B 253 -39.25 -21.73 -12.57
N THR B 254 -38.17 -21.73 -13.34
CA THR B 254 -37.07 -22.69 -13.10
C THR B 254 -36.46 -22.52 -11.72
N LEU B 255 -36.34 -21.26 -11.26
CA LEU B 255 -35.79 -20.96 -9.95
C LEU B 255 -36.69 -21.50 -8.83
N LYS B 256 -37.99 -21.28 -9.01
CA LYS B 256 -38.99 -21.77 -8.10
C LYS B 256 -38.90 -23.31 -8.04
N SER B 257 -38.70 -23.94 -9.19
CA SER B 257 -38.69 -25.39 -9.23
C SER B 257 -37.41 -25.87 -8.62
N TYR B 258 -36.31 -25.21 -8.98
CA TYR B 258 -35.02 -25.58 -8.45
C TYR B 258 -35.09 -25.60 -6.93
N ILE B 259 -35.71 -24.57 -6.36
CA ILE B 259 -35.81 -24.47 -4.91
C ILE B 259 -36.72 -25.57 -4.35
N GLU B 260 -37.89 -25.80 -4.97
CA GLU B 260 -38.79 -26.90 -4.59
C GLU B 260 -38.04 -28.22 -4.57
N CYS B 261 -37.28 -28.52 -5.64
CA CYS B 261 -36.62 -29.84 -5.80
C CYS B 261 -35.31 -30.02 -5.05
N ASN B 262 -34.86 -29.02 -4.27
CA ASN B 262 -33.57 -29.11 -3.55
C ASN B 262 -33.50 -28.57 -2.12
N ARG B 263 -34.57 -27.98 -1.61
CA ARG B 263 -34.51 -27.30 -0.30
C ARG B 263 -35.73 -27.51 0.59
N PRO B 264 -35.81 -28.67 1.27
CA PRO B 264 -37.00 -29.06 2.03
C PRO B 264 -37.22 -28.30 3.36
N GLN B 265 -36.17 -27.66 3.87
CA GLN B 265 -36.11 -27.19 5.26
C GLN B 265 -36.88 -25.90 5.56
N PRO B 266 -37.25 -25.71 6.85
CA PRO B 266 -37.94 -24.51 7.40
C PRO B 266 -37.11 -23.21 7.35
N ALA B 267 -35.78 -23.33 7.29
CA ALA B 267 -34.89 -22.19 7.13
C ALA B 267 -35.02 -21.55 5.70
N HIS B 268 -35.61 -22.31 4.75
CA HIS B 268 -35.83 -21.89 3.38
C HIS B 268 -37.31 -21.77 3.00
N ARG B 269 -38.18 -21.71 4.00
CA ARG B 269 -39.54 -21.38 3.74
C ARG B 269 -39.53 -20.02 3.06
N PHE B 270 -40.31 -19.90 1.98
CA PHE B 270 -40.46 -18.68 1.28
C PHE B 270 -39.19 -18.18 0.58
N LEU B 271 -38.23 -19.07 0.35
CA LEU B 271 -36.96 -18.66 -0.23
C LEU B 271 -37.10 -17.94 -1.58
N PHE B 272 -37.85 -18.54 -2.49
CA PHE B 272 -38.08 -17.94 -3.80
C PHE B 272 -38.59 -16.51 -3.67
N LEU B 273 -39.57 -16.26 -2.83
CA LEU B 273 -40.19 -14.93 -2.70
C LEU B 273 -39.21 -14.00 -2.01
N LYS B 274 -38.42 -14.53 -1.08
CA LYS B 274 -37.35 -13.72 -0.47
C LYS B 274 -36.39 -13.28 -1.58
N ILE B 275 -35.96 -14.22 -2.42
CA ILE B 275 -35.11 -13.89 -3.53
C ILE B 275 -35.74 -12.79 -4.41
N MET B 276 -37.01 -12.93 -4.81
CA MET B 276 -37.64 -11.92 -5.69
C MET B 276 -37.76 -10.56 -5.01
N ALA B 277 -38.03 -10.52 -3.71
CA ALA B 277 -38.06 -9.24 -3.00
C ALA B 277 -36.67 -8.55 -3.01
N MET B 278 -35.59 -9.34 -2.88
CA MET B 278 -34.22 -8.85 -2.91
C MET B 278 -33.89 -8.25 -4.26
N LEU B 279 -34.34 -8.90 -5.35
CA LEU B 279 -34.14 -8.31 -6.67
C LEU B 279 -34.80 -6.97 -6.75
N THR B 280 -36.04 -6.89 -6.26
CA THR B 280 -36.81 -5.64 -6.28
C THR B 280 -36.13 -4.56 -5.46
N GLU B 281 -35.60 -4.92 -4.31
CA GLU B 281 -34.89 -3.97 -3.49
C GLU B 281 -33.64 -3.51 -4.25
N LEU B 282 -33.01 -4.45 -4.94
CA LEU B 282 -31.73 -4.19 -5.62
C LEU B 282 -31.96 -3.22 -6.80
N ARG B 283 -33.11 -3.38 -7.46
CA ARG B 283 -33.53 -2.47 -8.52
C ARG B 283 -33.72 -1.08 -7.96
N SER B 284 -34.00 -0.97 -6.68
CA SER B 284 -34.25 0.34 -6.08
C SER B 284 -32.95 1.02 -5.56
N ILE B 285 -32.04 0.25 -4.94
CA ILE B 285 -30.69 0.72 -4.61
C ILE B 285 -29.87 1.21 -5.87
N ASN B 286 -29.96 0.48 -6.96
CA ASN B 286 -29.45 0.91 -8.24
C ASN B 286 -29.86 2.33 -8.63
N ALA B 287 -31.14 2.63 -8.46
CA ALA B 287 -31.66 3.97 -8.77
C ALA B 287 -30.95 4.96 -7.87
N GLN B 288 -30.88 4.66 -6.58
CA GLN B 288 -30.28 5.60 -5.62
C GLN B 288 -28.79 5.79 -5.89
N HIS B 289 -28.13 4.73 -6.32
CA HIS B 289 -26.67 4.74 -6.35
C HIS B 289 -26.20 5.38 -7.64
N THR B 290 -26.91 5.10 -8.72
CA THR B 290 -26.70 5.84 -9.93
C THR B 290 -26.87 7.34 -9.73
N GLN B 291 -27.87 7.74 -8.96
CA GLN B 291 -28.10 9.15 -8.71
C GLN B 291 -26.86 9.78 -8.01
N ARG B 292 -26.35 9.11 -6.97
CA ARG B 292 -25.13 9.57 -6.27
C ARG B 292 -23.91 9.65 -7.17
N LEU B 293 -23.76 8.69 -8.07
CA LEU B 293 -22.55 8.57 -8.83
C LEU B 293 -22.52 9.64 -9.90
N LEU B 294 -23.68 9.93 -10.47
CA LEU B 294 -23.86 11.07 -11.35
C LEU B 294 -23.48 12.40 -10.66
N ARG B 295 -23.95 12.62 -9.44
CA ARG B 295 -23.56 13.81 -8.69
C ARG B 295 -22.03 13.92 -8.50
N ILE B 296 -21.41 12.86 -8.03
CA ILE B 296 -19.98 12.86 -7.80
C ILE B 296 -19.22 13.08 -9.11
N GLN B 297 -19.69 12.45 -10.17
CA GLN B 297 -18.99 12.47 -11.44
C GLN B 297 -18.95 13.88 -12.07
N ASP B 298 -20.01 14.67 -11.86
CA ASP B 298 -20.06 16.08 -12.36
C ASP B 298 -18.99 16.97 -11.72
N ILE B 299 -18.81 16.84 -10.40
CA ILE B 299 -17.78 17.56 -9.68
C ILE B 299 -16.39 17.01 -9.96
N HIS B 300 -16.15 15.74 -9.57
CA HIS B 300 -14.84 15.06 -9.73
C HIS B 300 -14.90 13.87 -10.69
N PRO B 301 -14.81 14.11 -12.01
CA PRO B 301 -14.83 13.02 -13.00
C PRO B 301 -13.93 11.85 -12.64
N PHE B 302 -14.48 10.64 -12.50
CA PHE B 302 -13.69 9.45 -12.14
C PHE B 302 -14.01 8.21 -13.01
N ALA B 303 -15.11 8.26 -13.76
CA ALA B 303 -15.63 7.08 -14.45
C ALA B 303 -14.82 6.73 -15.71
N THR B 304 -14.65 5.43 -15.95
CA THR B 304 -14.07 4.96 -17.20
C THR B 304 -15.00 5.24 -18.38
N PRO B 305 -14.45 5.23 -19.61
CA PRO B 305 -15.28 5.37 -20.82
C PRO B 305 -16.46 4.38 -20.87
N LEU B 306 -16.21 3.12 -20.50
CA LEU B 306 -17.30 2.16 -20.46
C LEU B 306 -18.36 2.53 -19.40
N MET B 307 -17.96 2.97 -18.23
CA MET B 307 -18.97 3.44 -17.26
C MET B 307 -19.74 4.62 -17.78
N GLN B 308 -19.05 5.59 -18.37
CA GLN B 308 -19.74 6.79 -18.92
C GLN B 308 -20.84 6.42 -19.88
N GLU B 309 -20.53 5.50 -20.78
CA GLU B 309 -21.54 4.94 -21.66
C GLU B 309 -22.70 4.36 -20.90
N LEU B 310 -22.43 3.48 -19.93
CA LEU B 310 -23.49 2.92 -19.10
C LEU B 310 -24.37 3.94 -18.34
N PHE B 311 -23.82 5.12 -18.01
CA PHE B 311 -24.59 6.18 -17.29
C PHE B 311 -25.39 7.16 -18.19
N SER C 7 44.19 7.60 -7.01
CA SER C 7 43.56 6.27 -6.76
C SER C 7 42.35 6.35 -5.82
N LEU C 8 42.50 7.01 -4.67
CA LEU C 8 41.45 7.00 -3.68
C LEU C 8 40.34 7.92 -4.17
N THR C 9 40.76 9.07 -4.70
CA THR C 9 39.83 10.00 -5.35
C THR C 9 39.29 9.43 -6.66
N GLU C 10 40.06 8.58 -7.32
CA GLU C 10 39.63 7.95 -8.59
C GLU C 10 38.57 6.89 -8.34
N ARG C 11 38.72 6.09 -7.30
CA ARG C 11 37.70 5.09 -6.91
C ARG C 11 36.52 5.66 -6.09
N HIS C 12 36.49 6.96 -5.85
CA HIS C 12 35.39 7.59 -5.15
C HIS C 12 34.96 8.88 -5.82
N LYS C 13 34.67 8.79 -7.11
CA LYS C 13 34.35 10.00 -7.90
C LYS C 13 33.17 10.78 -7.36
N ILE C 14 32.11 10.09 -6.96
CA ILE C 14 30.90 10.76 -6.49
C ILE C 14 31.12 11.41 -5.14
N LEU C 15 31.77 10.71 -4.23
CA LEU C 15 32.13 11.32 -2.98
C LEU C 15 32.92 12.57 -3.25
N HIS C 16 33.98 12.41 -4.05
CA HIS C 16 34.85 13.53 -4.37
C HIS C 16 33.99 14.70 -4.87
N ARG C 17 33.12 14.43 -5.83
CA ARG C 17 32.29 15.48 -6.35
C ARG C 17 31.48 16.15 -5.24
N LEU C 18 30.73 15.36 -4.46
CA LEU C 18 29.91 15.90 -3.34
C LEU C 18 30.75 16.69 -2.31
N LEU C 19 31.99 16.28 -2.12
CA LEU C 19 32.89 17.04 -1.27
C LEU C 19 33.33 18.37 -1.89
N GLN C 20 33.47 18.43 -3.21
CA GLN C 20 34.04 19.63 -3.83
C GLN C 20 33.04 20.81 -3.92
N GLU C 21 31.74 20.52 -3.86
CA GLU C 21 30.70 21.57 -3.90
C GLU C 21 30.33 22.07 -2.51
N SER D 7 -31.99 3.95 -31.67
CA SER D 7 -30.55 3.99 -32.06
C SER D 7 -29.63 4.40 -30.87
N LEU D 8 -29.20 3.37 -30.16
CA LEU D 8 -28.33 3.48 -29.01
C LEU D 8 -26.90 3.08 -29.38
N THR D 9 -26.64 2.61 -30.61
CA THR D 9 -25.30 2.09 -30.96
C THR D 9 -24.24 3.16 -31.11
N GLU D 10 -24.65 4.37 -31.51
CA GLU D 10 -23.71 5.50 -31.66
C GLU D 10 -23.30 6.03 -30.26
N ARG D 11 -24.25 6.12 -29.34
CA ARG D 11 -23.96 6.55 -27.97
C ARG D 11 -23.33 5.46 -27.07
N HIS D 12 -23.14 4.25 -27.58
CA HIS D 12 -22.54 3.17 -26.81
C HIS D 12 -21.52 2.36 -27.63
N LYS D 13 -20.54 3.08 -28.15
CA LYS D 13 -19.58 2.49 -29.06
C LYS D 13 -18.84 1.30 -28.45
N ILE D 14 -18.42 1.44 -27.20
CA ILE D 14 -17.64 0.37 -26.54
C ILE D 14 -18.51 -0.85 -26.27
N LEU D 15 -19.70 -0.64 -25.76
CA LEU D 15 -20.63 -1.74 -25.59
C LEU D 15 -20.82 -2.45 -26.91
N HIS D 16 -21.18 -1.69 -27.93
CA HIS D 16 -21.38 -2.24 -29.28
C HIS D 16 -20.17 -3.10 -29.69
N ARG D 17 -18.98 -2.53 -29.53
CA ARG D 17 -17.82 -3.27 -29.87
C ARG D 17 -17.79 -4.59 -29.08
N LEU D 18 -17.90 -4.51 -27.76
CA LEU D 18 -17.79 -5.72 -26.90
C LEU D 18 -18.83 -6.75 -27.23
N LEU D 19 -20.00 -6.27 -27.62
CA LEU D 19 -21.04 -7.16 -28.10
C LEU D 19 -20.73 -7.83 -29.44
N GLN D 20 -19.97 -7.17 -30.31
CA GLN D 20 -19.61 -7.81 -31.58
C GLN D 20 -18.49 -8.83 -31.47
N GLU D 21 -17.69 -8.75 -30.40
CA GLU D 21 -16.66 -9.72 -30.18
C GLU D 21 -17.32 -11.00 -29.65
CAE 4WH E . 15.50 -1.22 10.98
CBC 4WH E . 16.37 0.00 10.56
CAF 4WH E . 17.34 0.41 11.70
CAG 4WH E . 15.42 1.18 10.24
CAV 4WH E . 17.20 -0.35 9.45
CAK 4WH E . 17.79 -1.62 9.40
CAM 4WH E . 18.61 -1.98 8.33
CAJ 4WH E . 17.47 0.57 8.43
CAL 4WH E . 18.30 0.21 7.37
CAW 4WH E . 18.86 -1.07 7.31
SBD 4WH E . 19.95 -1.51 5.94
OAH 4WH E . 19.27 -1.18 4.62
OAI 4WH E . 20.28 -2.99 6.02
CBA 4WH E . 21.45 -0.62 6.15
CAU 4WH E . 22.27 -0.13 5.27
CAD 4WH E . 22.13 -0.17 3.75
NAP 4WH E . 21.97 -0.32 7.33
NAQ 4WH E . 22.98 0.28 7.17
NBB 4WH E . 23.24 0.46 5.97
CAZ 4WH E . 24.35 1.09 5.56
CAN 4WH E . 24.31 2.45 5.17
CAT 4WH E . 25.48 3.11 4.76
CAC 4WH E . 25.38 4.46 4.35
CAX 4WH E . 26.70 2.39 4.75
OAR 4WH E . 27.83 3.10 4.34
CAA 4WH E . 29.10 2.45 4.21
CAO 4WH E . 26.73 1.05 5.15
CAY 4WH E . 25.56 0.40 5.57
OAS 4WH E . 25.50 -0.93 5.98
CAB 4WH E . 26.73 -1.52 6.37
CAE 4WH F . -16.72 -2.33 -1.61
CBC 4WH F . -18.05 -2.49 -2.37
CAF 4WH F . -19.23 -2.44 -1.37
CAG 4WH F . -18.06 -3.88 -3.04
CAV 4WH F . -18.20 -1.44 -3.29
CAK 4WH F . -18.37 -0.13 -2.81
CAM 4WH F . -18.53 0.93 -3.71
CAJ 4WH F . -18.20 -1.67 -4.67
CAL 4WH F . -18.35 -0.63 -5.56
CAW 4WH F . -18.51 0.67 -5.07
SBD 4WH F . -18.75 1.91 -6.25
OAH 4WH F . -17.45 2.24 -6.97
OAI 4WH F . -19.32 3.16 -5.55
CBA 4WH F . -20.01 1.25 -7.38
CAU 4WH F . -20.08 1.37 -8.70
CAD 4WH F . -19.08 2.11 -9.60
NAP 4WH F . -21.07 0.53 -7.00
NAQ 4WH F . -21.72 0.26 -8.04
NBB 4WH F . -21.17 0.71 -9.08
CAZ 4WH F . -21.63 0.62 -10.33
CAN 4WH F . -20.96 -0.17 -11.27
CAT 4WH F . -21.42 -0.26 -12.59
CAC 4WH F . -20.70 -1.08 -13.50
CAX 4WH F . -22.57 0.48 -12.96
OAR 4WH F . -23.01 0.40 -14.26
CAA 4WH F . -24.41 0.66 -14.51
CAO 4WH F . -23.21 1.28 -12.01
CAY 4WH F . -22.76 1.35 -10.69
OAS 4WH F . -23.35 2.13 -9.68
CAB 4WH F . -24.76 2.47 -9.74
#